data_6MTH
#
_entry.id   6MTH
#
_cell.length_a   34.050
_cell.length_b   51.666
_cell.length_c   79.014
_cell.angle_alpha   90.000
_cell.angle_beta   90.000
_cell.angle_gamma   90.000
#
_symmetry.space_group_name_H-M   'P 21 21 21'
#
loop_
_entity.id
_entity.type
_entity.pdbx_description
1 polymer 'Dihydrofolate reductase'
2 non-polymer 'CHLORIDE ION'
3 non-polymer 'MAGNESIUM ION'
4 non-polymer (6S)-5,6,7,8-TETRAHYDROFOLATE
5 non-polymer 'DIHYDROFOLIC ACID'
6 water water
#
_entity_poly.entity_id   1
_entity_poly.type   'polypeptide(L)'
_entity_poly.pdbx_seq_one_letter_code
;MISLIAALAVDRVIGMENAMPWNLPADLAWFKRNTLNKPVIMGRHTWESIGRPLPGRKNIILSSQPGTDDRVTWVKSVDE
AIAACGDVPEIMVIGGGRVYEQFLPKAQKLYLTHIDAEVEGDTHFPDYEPDDWESVFSEFHDADAQNSHSYCFEILERRH
HHHHH
;
_entity_poly.pdbx_strand_id   A
#
# COMPACT_ATOMS: atom_id res chain seq x y z
N MET A 1 -8.90 11.47 5.61
N MET A 1 -8.90 12.16 4.43
CA MET A 1 -7.49 11.61 5.13
CA MET A 1 -7.56 11.75 4.94
C MET A 1 -7.01 10.35 4.43
C MET A 1 -7.18 10.42 4.28
N ILE A 2 -6.22 10.53 3.37
CA ILE A 2 -5.74 9.39 2.57
C ILE A 2 -4.28 9.08 2.91
N SER A 3 -4.00 7.79 3.10
CA SER A 3 -2.65 7.29 3.31
C SER A 3 -2.33 6.20 2.31
N LEU A 4 -1.07 6.08 1.93
N LEU A 4 -1.06 6.07 1.94
CA LEU A 4 -0.58 4.94 1.15
CA LEU A 4 -0.58 4.94 1.15
C LEU A 4 0.20 4.03 2.08
C LEU A 4 0.25 4.02 2.03
N ILE A 5 0.06 2.73 1.86
CA ILE A 5 0.86 1.73 2.54
C ILE A 5 1.48 0.78 1.52
N ALA A 6 2.80 0.61 1.63
CA ALA A 6 3.54 -0.14 0.64
C ALA A 6 4.78 -0.78 1.21
N ALA A 7 5.19 -1.87 0.57
CA ALA A 7 6.46 -2.53 0.87
C ALA A 7 7.37 -2.37 -0.34
N LEU A 8 8.55 -1.81 -0.12
N LEU A 8 8.54 -1.78 -0.12
CA LEU A 8 9.47 -1.42 -1.20
CA LEU A 8 9.47 -1.45 -1.20
C LEU A 8 10.81 -2.14 -1.10
C LEU A 8 10.77 -2.23 -1.07
N ALA A 9 11.20 -2.84 -2.16
CA ALA A 9 12.56 -3.38 -2.25
C ALA A 9 13.48 -2.26 -2.74
N VAL A 10 14.77 -2.56 -2.89
CA VAL A 10 15.70 -1.62 -3.49
C VAL A 10 15.14 -1.14 -4.85
N ASP A 11 15.41 0.11 -5.18
CA ASP A 11 14.93 0.74 -6.42
C ASP A 11 13.40 0.90 -6.42
N ARG A 12 12.81 0.88 -5.25
CA ARG A 12 11.38 1.16 -5.12
C ARG A 12 10.52 0.13 -5.84
N VAL A 13 11.02 -1.10 -6.01
CA VAL A 13 10.24 -2.15 -6.62
C VAL A 13 9.21 -2.69 -5.63
N ILE A 14 7.97 -2.96 -6.07
N ILE A 14 7.98 -2.77 -6.11
N ILE A 14 7.97 -2.87 -6.06
CA ILE A 14 6.88 -3.39 -5.16
CA ILE A 14 6.86 -3.32 -5.36
CA ILE A 14 6.97 -3.52 -5.22
C ILE A 14 6.34 -4.85 -5.27
C ILE A 14 6.37 -4.53 -6.14
C ILE A 14 6.70 -4.93 -5.74
N GLY A 15 5.64 -5.20 -6.34
N GLY A 15 5.76 -5.47 -5.42
N GLY A 15 5.72 -5.59 -5.17
CA GLY A 15 5.07 -6.54 -6.50
CA GLY A 15 5.20 -6.66 -6.03
CA GLY A 15 5.32 -6.89 -5.64
C GLY A 15 3.74 -6.81 -5.78
C GLY A 15 3.83 -6.95 -5.47
C GLY A 15 3.88 -7.12 -5.27
N MET A 16 3.22 -8.03 -5.97
CA MET A 16 1.90 -8.44 -5.50
C MET A 16 2.05 -9.36 -4.31
N MET A 20 5.74 -13.13 -3.96
CA MET A 20 6.54 -12.23 -3.13
C MET A 20 8.00 -12.70 -3.09
N PRO A 21 8.94 -11.86 -3.54
CA PRO A 21 10.36 -12.28 -3.50
C PRO A 21 10.87 -12.51 -2.08
N TRP A 22 10.23 -11.85 -1.11
CA TRP A 22 10.58 -11.98 0.30
C TRP A 22 9.44 -12.66 1.04
N ASN A 23 9.75 -13.14 2.23
CA ASN A 23 8.78 -13.72 3.13
C ASN A 23 8.88 -12.99 4.46
N LEU A 24 7.96 -12.05 4.69
CA LEU A 24 8.00 -11.19 5.87
C LEU A 24 6.67 -11.19 6.62
N PRO A 25 6.40 -12.24 7.39
CA PRO A 25 5.17 -12.20 8.20
C PRO A 25 5.10 -10.98 9.14
N ALA A 26 6.23 -10.47 9.60
CA ALA A 26 6.21 -9.27 10.43
C ALA A 26 5.70 -8.05 9.65
N ASP A 27 5.99 -7.98 8.37
CA ASP A 27 5.49 -6.86 7.56
C ASP A 27 3.99 -7.05 7.31
N LEU A 28 3.56 -8.28 7.11
CA LEU A 28 2.14 -8.50 6.94
C LEU A 28 1.38 -8.13 8.22
N ALA A 29 1.98 -8.38 9.39
CA ALA A 29 1.34 -8.02 10.65
C ALA A 29 1.24 -6.49 10.77
N TRP A 30 2.29 -5.80 10.34
CA TRP A 30 2.30 -4.33 10.29
C TRP A 30 1.21 -3.82 9.35
N PHE A 31 1.12 -4.43 8.17
CA PHE A 31 0.07 -4.08 7.21
C PHE A 31 -1.32 -4.26 7.82
N LYS A 32 -1.57 -5.41 8.45
CA LYS A 32 -2.87 -5.65 9.02
C LYS A 32 -3.17 -4.66 10.15
N ARG A 33 -2.19 -4.44 11.03
CA ARG A 33 -2.41 -3.56 12.18
C ARG A 33 -2.77 -2.15 11.72
N ASN A 34 -2.13 -1.70 10.64
CA ASN A 34 -2.32 -0.34 10.16
C ASN A 34 -3.48 -0.18 9.19
N THR A 35 -4.10 -1.28 8.74
CA THR A 35 -5.26 -1.19 7.85
C THR A 35 -6.58 -1.68 8.48
N LEU A 36 -6.49 -2.44 9.56
CA LEU A 36 -7.70 -3.01 10.15
C LEU A 36 -8.68 -1.90 10.53
N ASN A 37 -9.96 -2.16 10.26
CA ASN A 37 -11.03 -1.25 10.62
C ASN A 37 -10.98 0.06 9.83
N LYS A 38 -10.34 0.01 8.66
CA LYS A 38 -10.29 1.14 7.73
C LYS A 38 -10.63 0.65 6.33
N PRO A 39 -11.24 1.50 5.51
CA PRO A 39 -11.40 1.06 4.12
C PRO A 39 -10.06 0.97 3.41
N VAL A 40 -9.94 -0.02 2.52
CA VAL A 40 -8.76 -0.20 1.70
C VAL A 40 -9.14 -0.06 0.22
N ILE A 41 -8.37 0.75 -0.50
CA ILE A 41 -8.56 0.95 -1.93
C ILE A 41 -7.42 0.27 -2.67
N MET A 42 -7.76 -0.55 -3.66
CA MET A 42 -6.76 -1.24 -4.47
C MET A 42 -7.21 -1.28 -5.92
N GLY A 43 -6.27 -1.49 -6.83
CA GLY A 43 -6.59 -1.72 -8.23
C GLY A 43 -6.95 -3.17 -8.48
N ARG A 44 -7.45 -3.45 -9.68
CA ARG A 44 -7.97 -4.78 -9.95
C ARG A 44 -6.87 -5.84 -10.00
N HIS A 45 -5.66 -5.48 -10.45
CA HIS A 45 -4.54 -6.42 -10.43
CA HIS A 45 -4.54 -6.42 -10.43
C HIS A 45 -4.23 -6.87 -8.99
N THR A 46 -4.15 -5.90 -8.07
CA THR A 46 -3.93 -6.23 -6.66
C THR A 46 -5.06 -7.08 -6.08
N TRP A 47 -6.30 -6.72 -6.38
CA TRP A 47 -7.46 -7.49 -5.94
C TRP A 47 -7.36 -8.94 -6.41
N GLU A 48 -7.06 -9.17 -7.69
CA GLU A 48 -6.99 -10.53 -8.19
C GLU A 48 -5.84 -11.32 -7.52
N SER A 49 -4.77 -10.62 -7.16
N SER A 49 -4.77 -10.61 -7.16
CA SER A 49 -3.62 -11.26 -6.51
CA SER A 49 -3.62 -11.26 -6.52
C SER A 49 -3.91 -11.63 -5.07
C SER A 49 -3.94 -11.66 -5.09
N ILE A 50 -4.78 -10.88 -4.41
CA ILE A 50 -5.17 -11.20 -3.05
C ILE A 50 -6.23 -12.30 -3.07
N GLY A 51 -7.22 -12.17 -3.96
N GLY A 51 -7.22 -12.17 -3.96
CA GLY A 51 -8.17 -13.24 -4.21
CA GLY A 51 -8.17 -13.24 -4.21
C GLY A 51 -9.41 -13.26 -3.33
C GLY A 51 -9.41 -13.25 -3.33
N ARG A 52 -9.28 -12.81 -2.09
CA ARG A 52 -10.37 -12.84 -1.12
C ARG A 52 -10.36 -11.52 -0.37
N PRO A 53 -11.55 -11.03 0.00
CA PRO A 53 -11.56 -9.75 0.72
C PRO A 53 -10.73 -9.79 1.98
N LEU A 54 -10.00 -8.71 2.23
CA LEU A 54 -9.26 -8.57 3.48
C LEU A 54 -10.28 -8.40 4.59
N PRO A 55 -10.21 -9.26 5.61
CA PRO A 55 -11.23 -9.19 6.68
C PRO A 55 -11.14 -7.93 7.53
N GLY A 56 -12.29 -7.47 7.99
CA GLY A 56 -12.33 -6.37 8.94
C GLY A 56 -12.07 -5.03 8.30
N ARG A 57 -12.12 -5.00 6.97
CA ARG A 57 -11.90 -3.78 6.17
C ARG A 57 -12.91 -3.74 5.03
N LYS A 58 -13.37 -2.55 4.67
CA LYS A 58 -14.16 -2.39 3.46
C LYS A 58 -13.20 -2.43 2.29
N ASN A 59 -13.44 -3.34 1.34
CA ASN A 59 -12.55 -3.53 0.20
C ASN A 59 -13.12 -2.83 -1.02
N ILE A 60 -12.43 -1.80 -1.49
CA ILE A 60 -12.88 -0.99 -2.62
C ILE A 60 -11.89 -1.21 -3.75
N ILE A 61 -12.42 -1.61 -4.89
CA ILE A 61 -11.60 -1.94 -6.06
C ILE A 61 -11.80 -0.89 -7.13
N LEU A 62 -10.71 -0.18 -7.46
CA LEU A 62 -10.70 0.84 -8.48
C LEU A 62 -10.36 0.22 -9.83
N SER A 63 -11.32 0.24 -10.74
CA SER A 63 -11.12 -0.32 -12.07
C SER A 63 -12.11 0.28 -13.04
N SER A 64 -11.66 0.61 -14.24
CA SER A 64 -12.55 1.15 -15.25
C SER A 64 -13.44 0.06 -15.80
N GLN A 65 -13.03 -1.18 -15.56
CA GLN A 65 -13.77 -2.38 -15.96
C GLN A 65 -13.97 -3.28 -14.74
N PRO A 66 -15.05 -3.06 -13.99
CA PRO A 66 -15.28 -3.86 -12.79
C PRO A 66 -15.51 -5.32 -13.09
N GLY A 67 -15.11 -6.18 -12.15
CA GLY A 67 -15.50 -7.58 -12.15
C GLY A 67 -16.91 -7.69 -11.62
N THR A 68 -17.36 -8.90 -11.29
CA THR A 68 -18.74 -9.11 -10.85
C THR A 68 -18.82 -9.44 -9.36
N ASP A 69 -17.69 -9.79 -8.77
CA ASP A 69 -17.61 -10.29 -7.39
C ASP A 69 -18.37 -9.35 -6.45
N ASP A 70 -19.41 -9.89 -5.80
CA ASP A 70 -20.26 -9.06 -4.94
C ASP A 70 -19.69 -8.85 -3.55
N ARG A 71 -18.54 -9.45 -3.27
CA ARG A 71 -17.95 -9.38 -1.93
C ARG A 71 -17.15 -8.09 -1.70
N VAL A 72 -16.94 -7.33 -2.77
CA VAL A 72 -16.18 -6.09 -2.71
C VAL A 72 -16.99 -4.98 -3.37
N THR A 73 -16.53 -3.75 -3.22
CA THR A 73 -17.18 -2.56 -3.76
C THR A 73 -16.39 -2.05 -4.96
N TRP A 74 -17.01 -1.99 -6.15
CA TRP A 74 -16.33 -1.62 -7.38
C TRP A 74 -16.58 -0.17 -7.72
N VAL A 75 -15.51 0.58 -8.01
CA VAL A 75 -15.63 1.99 -8.36
C VAL A 75 -14.75 2.30 -9.58
N LYS A 76 -15.07 3.38 -10.27
CA LYS A 76 -14.46 3.64 -11.59
C LYS A 76 -13.53 4.84 -11.65
N SER A 77 -13.37 5.56 -10.54
CA SER A 77 -12.49 6.71 -10.49
C SER A 77 -12.00 6.94 -9.07
N VAL A 78 -10.91 7.69 -8.95
CA VAL A 78 -10.37 8.10 -7.66
C VAL A 78 -11.43 8.81 -6.83
N ASP A 79 -12.15 9.75 -7.44
CA ASP A 79 -13.17 10.48 -6.72
C ASP A 79 -14.28 9.55 -6.21
N GLU A 80 -14.68 8.58 -7.02
CA GLU A 80 -15.73 7.66 -6.61
C GLU A 80 -15.22 6.75 -5.49
N ALA A 81 -13.96 6.34 -5.58
CA ALA A 81 -13.36 5.51 -4.55
C ALA A 81 -13.40 6.23 -3.21
N ILE A 82 -13.06 7.51 -3.21
CA ILE A 82 -13.06 8.30 -1.99
C ILE A 82 -14.50 8.47 -1.44
N ALA A 83 -15.45 8.78 -2.32
CA ALA A 83 -16.85 8.93 -1.93
C ALA A 83 -17.41 7.65 -1.30
N ALA A 84 -17.04 6.49 -1.87
CA ALA A 84 -17.50 5.22 -1.35
C ALA A 84 -17.02 4.97 0.09
N CYS A 85 -15.93 5.60 0.50
CA CYS A 85 -15.42 5.44 1.85
C CYS A 85 -16.20 6.30 2.83
N GLY A 86 -16.74 7.40 2.35
CA GLY A 86 -17.52 8.27 3.21
C GLY A 86 -16.72 8.95 4.30
N ASP A 87 -17.41 9.22 5.41
CA ASP A 87 -16.84 9.90 6.56
C ASP A 87 -16.09 8.93 7.46
N VAL A 88 -14.81 8.72 7.17
CA VAL A 88 -13.96 7.93 8.04
C VAL A 88 -12.68 8.70 8.28
N PRO A 89 -12.01 8.41 9.41
CA PRO A 89 -10.80 9.15 9.73
C PRO A 89 -9.64 8.92 8.77
N GLU A 90 -9.53 7.73 8.23
CA GLU A 90 -8.36 7.40 7.41
C GLU A 90 -8.69 6.33 6.37
N ILE A 91 -8.34 6.64 5.12
CA ILE A 91 -8.50 5.73 3.98
C ILE A 91 -7.12 5.20 3.61
N MET A 92 -7.01 3.88 3.44
CA MET A 92 -5.71 3.25 3.16
C MET A 92 -5.65 2.77 1.72
N VAL A 93 -4.69 3.29 0.96
CA VAL A 93 -4.50 2.88 -0.42
C VAL A 93 -3.39 1.85 -0.46
N ILE A 94 -3.70 0.69 -1.00
CA ILE A 94 -2.80 -0.47 -0.91
C ILE A 94 -2.22 -0.93 -2.24
N GLY A 95 -2.35 -0.12 -3.28
CA GLY A 95 -1.66 -0.36 -4.54
C GLY A 95 -2.58 -0.89 -5.64
N GLY A 96 -2.05 -1.29 -6.79
CA GLY A 96 -0.62 -1.35 -7.09
C GLY A 96 -0.04 -0.07 -7.67
N GLY A 97 0.91 -0.22 -8.60
CA GLY A 97 1.72 0.90 -9.05
C GLY A 97 0.94 2.10 -9.55
N ARG A 98 0.00 1.87 -10.46
CA ARG A 98 -0.74 2.97 -11.02
C ARG A 98 -1.68 3.62 -10.01
N VAL A 99 -2.30 2.81 -9.16
CA VAL A 99 -3.19 3.33 -8.13
C VAL A 99 -2.41 4.17 -7.12
N TYR A 100 -1.23 3.72 -6.72
CA TYR A 100 -0.40 4.55 -5.86
C TYR A 100 -0.08 5.90 -6.53
N GLU A 101 0.27 5.85 -7.82
CA GLU A 101 0.63 7.04 -8.56
C GLU A 101 -0.54 8.04 -8.60
N GLN A 102 -1.76 7.54 -8.80
CA GLN A 102 -2.93 8.40 -8.87
C GLN A 102 -3.31 8.98 -7.51
N PHE A 103 -3.05 8.25 -6.43
CA PHE A 103 -3.49 8.68 -5.09
C PHE A 103 -2.47 9.51 -4.35
N LEU A 104 -1.18 9.37 -4.70
CA LEU A 104 -0.14 10.10 -3.98
C LEU A 104 -0.44 11.60 -3.79
N PRO A 105 -0.92 12.30 -4.84
CA PRO A 105 -1.16 13.75 -4.64
C PRO A 105 -2.21 14.06 -3.58
N LYS A 106 -3.10 13.10 -3.34
CA LYS A 106 -4.18 13.28 -2.40
C LYS A 106 -3.80 12.79 -1.00
N ALA A 107 -2.66 12.11 -0.90
CA ALA A 107 -2.25 11.50 0.37
C ALA A 107 -1.54 12.48 1.28
N GLN A 108 -1.73 12.28 2.59
CA GLN A 108 -1.05 13.09 3.60
C GLN A 108 -0.16 12.26 4.50
N LYS A 109 -0.14 10.94 4.31
CA LYS A 109 0.67 10.05 5.13
C LYS A 109 1.10 8.83 4.32
N LEU A 110 2.32 8.37 4.59
CA LEU A 110 2.88 7.17 3.96
C LEU A 110 3.31 6.18 5.04
N TYR A 111 2.95 4.92 4.85
CA TYR A 111 3.45 3.84 5.69
C TYR A 111 4.28 2.97 4.76
N LEU A 112 5.59 2.98 4.96
CA LEU A 112 6.49 2.28 4.06
C LEU A 112 7.28 1.22 4.80
N THR A 113 7.51 0.10 4.14
CA THR A 113 8.46 -0.89 4.63
C THR A 113 9.60 -0.95 3.63
N HIS A 114 10.79 -0.54 4.07
CA HIS A 114 11.97 -0.55 3.20
C HIS A 114 12.66 -1.87 3.39
N ILE A 115 12.57 -2.76 2.41
CA ILE A 115 13.10 -4.11 2.51
C ILE A 115 14.49 -4.19 1.90
N ASP A 116 15.42 -4.80 2.62
N ASP A 116 15.40 -4.83 2.63
CA ASP A 116 16.78 -4.99 2.16
CA ASP A 116 16.77 -5.03 2.20
C ASP A 116 16.86 -6.20 1.26
C ASP A 116 16.88 -6.20 1.24
N ALA A 117 16.27 -6.03 0.07
CA ALA A 117 16.30 -7.05 -0.98
C ALA A 117 16.46 -6.35 -2.33
N GLU A 118 17.27 -6.94 -3.21
CA GLU A 118 17.30 -6.56 -4.61
C GLU A 118 16.55 -7.64 -5.38
N VAL A 119 15.58 -7.22 -6.19
CA VAL A 119 14.64 -8.16 -6.81
C VAL A 119 14.44 -7.83 -8.28
N GLU A 120 13.82 -8.74 -9.05
CA GLU A 120 13.74 -8.57 -10.52
C GLU A 120 12.52 -7.83 -11.12
N GLY A 121 11.61 -7.34 -10.29
CA GLY A 121 10.36 -6.77 -10.77
C GLY A 121 10.44 -5.46 -11.55
N ASP A 122 9.35 -5.11 -12.25
CA ASP A 122 9.32 -3.91 -13.08
C ASP A 122 8.28 -2.87 -12.62
N THR A 123 7.58 -3.15 -11.54
CA THR A 123 6.55 -2.22 -11.04
C THR A 123 7.12 -1.48 -9.84
N HIS A 124 7.00 -0.16 -9.85
CA HIS A 124 7.65 0.69 -8.88
C HIS A 124 6.65 1.50 -8.10
N PHE A 125 7.00 1.85 -6.88
CA PHE A 125 6.25 2.80 -6.09
C PHE A 125 6.51 4.18 -6.71
N PRO A 126 5.54 5.11 -6.63
CA PRO A 126 5.75 6.43 -7.23
C PRO A 126 6.93 7.22 -6.68
N ASP A 127 7.45 8.11 -7.51
CA ASP A 127 8.39 9.12 -7.08
C ASP A 127 7.68 10.07 -6.13
N TYR A 128 8.31 10.37 -5.01
CA TYR A 128 7.84 11.42 -4.14
C TYR A 128 9.03 12.26 -3.77
N GLU A 129 8.80 13.53 -3.47
CA GLU A 129 9.87 14.45 -3.13
C GLU A 129 10.15 14.32 -1.64
N PRO A 130 11.29 13.72 -1.28
CA PRO A 130 11.51 13.53 0.16
C PRO A 130 11.44 14.83 0.97
N ASP A 131 11.74 15.96 0.35
CA ASP A 131 11.70 17.25 1.03
C ASP A 131 10.28 17.69 1.42
N ASP A 132 9.27 17.04 0.83
CA ASP A 132 7.88 17.37 1.11
C ASP A 132 7.31 16.57 2.29
N TRP A 133 8.10 15.65 2.83
CA TRP A 133 7.63 14.74 3.88
C TRP A 133 8.55 14.78 5.10
N GLU A 134 7.99 14.44 6.25
CA GLU A 134 8.74 14.35 7.49
C GLU A 134 8.64 12.92 8.01
N SER A 135 9.77 12.33 8.38
CA SER A 135 9.81 10.99 8.95
C SER A 135 9.46 11.07 10.42
N VAL A 136 8.30 10.53 10.80
CA VAL A 136 7.85 10.59 12.18
C VAL A 136 7.99 9.28 12.95
N PHE A 137 8.43 8.23 12.25
CA PHE A 137 8.66 6.94 12.87
C PHE A 137 9.53 6.14 11.95
N SER A 138 10.54 5.48 12.50
CA SER A 138 11.32 4.50 11.76
C SER A 138 11.82 3.41 12.70
N GLU A 139 11.74 2.16 12.27
N GLU A 139 11.74 2.16 12.27
CA GLU A 139 12.23 1.05 13.08
CA GLU A 139 12.23 1.05 13.08
C GLU A 139 12.79 -0.05 12.20
C GLU A 139 12.80 -0.05 12.20
N PHE A 140 14.07 -0.34 12.41
CA PHE A 140 14.77 -1.40 11.69
C PHE A 140 14.66 -2.73 12.41
N HIS A 141 14.50 -3.79 11.63
CA HIS A 141 14.44 -5.15 12.15
C HIS A 141 15.33 -6.05 11.33
N ASP A 142 16.11 -6.88 12.00
CA ASP A 142 16.90 -7.90 11.35
C ASP A 142 16.04 -9.06 10.87
N ALA A 143 16.53 -9.77 9.86
CA ALA A 143 15.93 -11.02 9.45
C ALA A 143 16.00 -12.01 10.61
N ASP A 144 15.13 -13.01 10.61
CA ASP A 144 15.15 -14.04 11.65
C ASP A 144 14.59 -15.34 11.05
N ALA A 145 14.33 -16.34 11.89
CA ALA A 145 13.87 -17.63 11.38
C ALA A 145 12.55 -17.54 10.63
N GLN A 146 11.76 -16.51 10.89
CA GLN A 146 10.45 -16.36 10.23
C GLN A 146 10.42 -15.32 9.11
N ASN A 147 11.43 -14.43 9.08
CA ASN A 147 11.47 -13.29 8.15
C ASN A 147 12.76 -13.34 7.31
N SER A 148 12.60 -13.44 5.99
CA SER A 148 13.70 -13.78 5.10
C SER A 148 14.75 -12.69 4.91
N HIS A 149 14.36 -11.44 5.11
CA HIS A 149 15.22 -10.30 4.86
C HIS A 149 15.08 -9.30 5.99
N SER A 150 16.05 -8.41 6.14
CA SER A 150 15.90 -7.26 7.05
C SER A 150 15.02 -6.18 6.40
N TYR A 151 14.42 -5.36 7.25
CA TYR A 151 13.46 -4.36 6.77
C TYR A 151 13.38 -3.21 7.76
N CYS A 152 12.92 -2.07 7.28
CA CYS A 152 12.76 -0.89 8.11
C CYS A 152 11.39 -0.28 7.89
N PHE A 153 10.57 -0.28 8.93
CA PHE A 153 9.29 0.40 8.86
C PHE A 153 9.51 1.91 8.93
N GLU A 154 8.69 2.67 8.22
CA GLU A 154 8.73 4.13 8.30
C GLU A 154 7.33 4.70 8.12
N ILE A 155 7.03 5.75 8.87
CA ILE A 155 5.83 6.54 8.63
C ILE A 155 6.28 7.97 8.33
N LEU A 156 5.74 8.53 7.24
CA LEU A 156 6.01 9.90 6.84
C LEU A 156 4.72 10.68 6.78
N GLU A 157 4.80 11.94 7.19
CA GLU A 157 3.67 12.85 7.15
C GLU A 157 3.99 13.96 6.19
N ARG A 158 3.02 14.34 5.38
CA ARG A 158 3.25 15.39 4.39
C ARG A 158 3.40 16.77 5.04
N ARG A 159 4.44 17.48 4.62
CA ARG A 159 4.65 18.87 5.04
C ARG A 159 4.44 19.86 3.89
N HIS A 160 4.75 19.45 2.66
CA HIS A 160 4.59 20.32 1.50
C HIS A 160 3.93 19.60 0.33
N HIS A 161 3.39 20.40 -0.58
CA HIS A 161 2.70 19.88 -1.76
C HIS A 161 3.12 20.66 -2.98
N HIS A 162 3.39 19.94 -4.07
CA HIS A 162 3.70 20.57 -5.35
C HIS A 162 2.98 19.86 -6.48
#